data_4O57
#
_entry.id   4O57
#
_cell.length_a   47.285
_cell.length_b   56.346
_cell.length_c   106.308
_cell.angle_alpha   90.000
_cell.angle_beta   90.000
_cell.angle_gamma   90.000
#
_symmetry.space_group_name_H-M   'P 2 21 21'
#
loop_
_entity.id
_entity.type
_entity.pdbx_description
1 polymer 'Triosephosphate isomerase'
2 non-polymer 'SODIUM ION'
3 water water
#
_entity_poly.entity_id   1
_entity_poly.type   'polypeptide(L)'
_entity_poly.pdbx_seq_one_letter_code
;MRTFFVGGNWKANPKTVEEAEKLIEMLNGAKVEGNVEVVVAAPFYFLPTLQQKLRKDWKVSAENVFTKPNGAFTGEVTVP
MIKSFGIEWTILGHSERRDILKEDDEFLAAKAKFALENGMKIIYCCGEHLSEREAGKASEFVSAQIEKMIPAIPAGKWDD
VVIAYEPIWAIGTGKVASTQDAQEMCKVIRDILAAKVGADIANKVRILYGGSVKPNNCNELAA(CSO)PDVDGFLVGGAS
LEPGFINIVNSNVHSK
;
_entity_poly.pdbx_strand_id   A
#
loop_
_chem_comp.id
_chem_comp.type
_chem_comp.name
_chem_comp.formula
NA non-polymer 'SODIUM ION' 'Na 1'
#
# COMPACT_ATOMS: atom_id res chain seq x y z
N MET A 1 10.72 -13.28 10.26
CA MET A 1 11.13 -12.70 8.93
C MET A 1 9.90 -12.32 8.11
N ARG A 2 9.74 -11.02 7.90
CA ARG A 2 8.65 -10.54 7.12
C ARG A 2 9.02 -10.56 5.65
N THR A 3 8.11 -11.05 4.82
CA THR A 3 8.31 -11.07 3.39
C THR A 3 8.14 -9.66 2.84
N PHE A 4 9.15 -9.19 2.12
CA PHE A 4 9.08 -7.89 1.48
C PHE A 4 7.83 -7.85 0.62
N PHE A 5 7.24 -6.66 0.51
CA PHE A 5 5.94 -6.52 -0.19
C PHE A 5 6.00 -5.30 -1.08
N VAL A 6 5.65 -5.45 -2.34
CA VAL A 6 5.55 -4.35 -3.27
C VAL A 6 4.20 -4.33 -3.93
N GLY A 7 3.46 -3.25 -3.68
CA GLY A 7 2.21 -3.02 -4.36
C GLY A 7 2.36 -1.97 -5.44
N GLY A 8 1.92 -2.27 -6.66
CA GLY A 8 1.91 -1.32 -7.77
C GLY A 8 0.49 -0.73 -7.90
N ASN A 9 0.34 0.56 -7.72
CA ASN A 9 -0.93 1.27 -7.84
C ASN A 9 -1.01 2.01 -9.16
N TRP A 10 -1.70 1.44 -10.13
CA TRP A 10 -1.80 2.06 -11.43
C TRP A 10 -2.59 3.35 -11.40
N LYS A 11 -3.37 3.57 -10.34
CA LYS A 11 -4.25 4.74 -10.25
C LYS A 11 -5.16 4.73 -11.47
N ALA A 12 -5.44 5.89 -12.04
CA ALA A 12 -6.36 5.98 -13.19
C ALA A 12 -5.59 5.85 -14.51
N ASN A 13 -4.94 4.70 -14.66
CA ASN A 13 -4.08 4.39 -15.81
C ASN A 13 -4.12 2.90 -16.08
N PRO A 14 -3.70 2.49 -17.28
CA PRO A 14 -3.45 3.31 -18.47
C PRO A 14 -4.74 3.70 -19.15
N LYS A 15 -4.65 4.22 -20.38
CA LYS A 15 -5.78 4.89 -20.97
C LYS A 15 -6.69 3.88 -21.65
N THR A 16 -6.12 2.76 -22.08
CA THR A 16 -6.86 1.81 -22.91
C THR A 16 -6.61 0.38 -22.47
N VAL A 17 -7.52 -0.50 -22.84
CA VAL A 17 -7.33 -1.91 -22.53
C VAL A 17 -6.10 -2.45 -23.27
N GLU A 18 -5.86 -1.99 -24.50
CA GLU A 18 -4.68 -2.46 -25.23
C GLU A 18 -3.38 -2.07 -24.48
N GLU A 19 -3.32 -0.87 -23.93
CA GLU A 19 -2.15 -0.49 -23.17
C GLU A 19 -2.07 -1.32 -21.89
N ALA A 20 -3.21 -1.67 -21.29
CA ALA A 20 -3.14 -2.49 -20.07
C ALA A 20 -2.63 -3.88 -20.42
N GLU A 21 -3.11 -4.44 -21.51
CA GLU A 21 -2.64 -5.74 -21.97
C GLU A 21 -1.12 -5.75 -22.25
N LYS A 22 -0.61 -4.69 -22.87
CA LYS A 22 0.84 -4.61 -23.12
C LYS A 22 1.63 -4.50 -21.82
N LEU A 23 1.09 -3.78 -20.84
CA LEU A 23 1.77 -3.65 -19.56
C LEU A 23 1.82 -5.00 -18.85
N ILE A 24 0.69 -5.71 -18.89
CA ILE A 24 0.65 -7.06 -18.32
C ILE A 24 1.66 -8.03 -18.99
N GLU A 25 1.78 -7.98 -20.31
CA GLU A 25 2.71 -8.85 -21.06
C GLU A 25 4.14 -8.57 -20.59
N MET A 26 4.46 -7.30 -20.37
N MET A 26 4.47 -7.29 -20.40
CA MET A 26 5.77 -6.93 -19.87
CA MET A 26 5.77 -6.89 -19.85
C MET A 26 6.05 -7.39 -18.43
C MET A 26 6.00 -7.48 -18.45
N LEU A 27 5.06 -7.27 -17.55
CA LEU A 27 5.18 -7.73 -16.17
C LEU A 27 5.29 -9.26 -16.16
N ASN A 28 4.60 -9.94 -17.08
CA ASN A 28 4.60 -11.41 -17.10
C ASN A 28 5.97 -11.95 -17.46
N GLY A 29 6.76 -11.16 -18.20
CA GLY A 29 8.10 -11.54 -18.52
C GLY A 29 9.19 -11.11 -17.58
N ALA A 30 8.83 -10.40 -16.50
CA ALA A 30 9.81 -9.81 -15.61
C ALA A 30 10.44 -10.86 -14.72
N LYS A 31 11.76 -10.82 -14.62
CA LYS A 31 12.47 -11.80 -13.79
C LYS A 31 12.57 -11.29 -12.36
N VAL A 32 11.76 -11.86 -11.45
CA VAL A 32 11.83 -11.51 -10.03
C VAL A 32 13.00 -12.21 -9.32
N GLU A 33 13.80 -11.43 -8.58
CA GLU A 33 14.90 -11.92 -7.77
C GLU A 33 14.49 -11.86 -6.28
N GLY A 34 15.06 -12.73 -5.46
CA GLY A 34 14.80 -12.69 -4.03
C GLY A 34 13.45 -13.27 -3.72
N ASN A 35 12.89 -12.83 -2.59
CA ASN A 35 11.63 -13.27 -2.04
C ASN A 35 10.77 -12.01 -1.83
N VAL A 36 9.65 -11.94 -2.52
CA VAL A 36 8.85 -10.70 -2.48
C VAL A 36 7.43 -11.05 -2.88
N GLU A 37 6.48 -10.42 -2.18
CA GLU A 37 5.05 -10.54 -2.45
C GLU A 37 4.63 -9.32 -3.24
N VAL A 38 4.06 -9.55 -4.43
CA VAL A 38 3.73 -8.43 -5.33
C VAL A 38 2.22 -8.41 -5.61
N VAL A 39 1.64 -7.22 -5.52
CA VAL A 39 0.22 -7.02 -5.76
C VAL A 39 0.10 -5.84 -6.70
N VAL A 40 -0.83 -5.94 -7.65
CA VAL A 40 -1.07 -4.89 -8.62
C VAL A 40 -2.49 -4.41 -8.51
N ALA A 41 -2.62 -3.12 -8.21
CA ALA A 41 -3.92 -2.44 -8.14
C ALA A 41 -4.20 -1.67 -9.42
N ALA A 42 -5.43 -1.79 -9.92
CA ALA A 42 -5.80 -1.26 -11.24
C ALA A 42 -7.21 -0.77 -11.22
N PRO A 43 -7.56 0.09 -12.17
CA PRO A 43 -8.93 0.56 -12.23
C PRO A 43 -9.91 -0.60 -12.33
N PHE A 44 -11.12 -0.38 -11.83
CA PHE A 44 -12.13 -1.42 -11.83
C PHE A 44 -12.33 -2.05 -13.20
N TYR A 45 -12.42 -1.23 -14.26
CA TYR A 45 -12.74 -1.70 -15.60
C TYR A 45 -11.72 -2.72 -16.10
N PHE A 46 -10.49 -2.59 -15.61
CA PHE A 46 -9.38 -3.44 -16.03
C PHE A 46 -9.17 -4.68 -15.16
N LEU A 47 -9.78 -4.75 -13.97
CA LEU A 47 -9.52 -5.87 -13.09
C LEU A 47 -9.82 -7.21 -13.74
N PRO A 48 -10.91 -7.31 -14.55
CA PRO A 48 -11.14 -8.63 -15.16
C PRO A 48 -9.96 -9.09 -16.05
N THR A 49 -9.42 -8.15 -16.81
CA THR A 49 -8.29 -8.41 -17.68
C THR A 49 -7.05 -8.85 -16.89
N LEU A 50 -6.72 -8.11 -15.84
CA LEU A 50 -5.63 -8.50 -14.93
C LEU A 50 -5.85 -9.88 -14.32
N GLN A 51 -7.04 -10.13 -13.80
CA GLN A 51 -7.28 -11.40 -13.11
C GLN A 51 -7.08 -12.55 -14.12
N GLN A 52 -7.48 -12.33 -15.37
CA GLN A 52 -7.33 -13.38 -16.40
C GLN A 52 -5.89 -13.54 -16.95
N LYS A 53 -5.17 -12.44 -17.11
CA LYS A 53 -3.89 -12.45 -17.82
C LYS A 53 -2.62 -12.27 -16.99
N LEU A 54 -2.73 -11.64 -15.83
CA LEU A 54 -1.57 -11.40 -15.00
C LEU A 54 -1.03 -12.67 -14.37
N ARG A 55 0.28 -12.80 -14.43
CA ARG A 55 1.02 -13.88 -13.78
C ARG A 55 0.43 -14.25 -12.40
N LYS A 56 0.12 -15.53 -12.24
CA LYS A 56 -0.62 -15.99 -11.07
C LYS A 56 0.20 -16.04 -9.78
N ASP A 57 1.52 -15.78 -9.87
CA ASP A 57 2.35 -15.65 -8.65
C ASP A 57 2.17 -14.27 -8.03
N TRP A 58 1.52 -13.37 -8.76
CA TRP A 58 1.20 -12.01 -8.26
C TRP A 58 -0.31 -11.97 -8.08
N LYS A 59 -0.81 -11.04 -7.26
CA LYS A 59 -2.22 -10.90 -7.02
C LYS A 59 -2.72 -9.51 -7.44
N VAL A 60 -3.98 -9.47 -7.79
CA VAL A 60 -4.64 -8.24 -8.22
C VAL A 60 -5.35 -7.58 -7.03
N SER A 61 -5.38 -6.25 -7.02
CA SER A 61 -6.01 -5.46 -5.97
C SER A 61 -6.94 -4.39 -6.55
N ALA A 62 -8.04 -4.14 -5.86
CA ALA A 62 -8.85 -2.99 -6.10
C ALA A 62 -8.12 -1.75 -5.53
N GLU A 63 -8.41 -0.57 -6.08
CA GLU A 63 -7.82 0.69 -5.57
C GLU A 63 -8.67 1.25 -4.43
N ASN A 64 -9.86 0.67 -4.25
CA ASN A 64 -10.80 1.13 -3.25
C ASN A 64 -12.01 0.17 -3.31
N VAL A 65 -12.84 0.14 -2.28
CA VAL A 65 -14.11 -0.60 -2.35
C VAL A 65 -15.16 0.12 -1.58
N PHE A 66 -16.44 -0.14 -1.89
CA PHE A 66 -17.55 0.52 -1.21
C PHE A 66 -17.92 -0.20 0.10
N PHE A 73 -24.61 2.08 -3.77
CA PHE A 73 -25.52 2.89 -4.61
C PHE A 73 -24.94 3.14 -6.01
N THR A 74 -25.62 3.96 -6.80
CA THR A 74 -25.20 4.21 -8.17
C THR A 74 -23.74 4.67 -8.25
N GLY A 75 -22.95 3.97 -9.04
CA GLY A 75 -21.58 4.37 -9.34
C GLY A 75 -20.55 3.66 -8.48
N GLU A 76 -21.01 2.88 -7.52
CA GLU A 76 -20.14 2.28 -6.50
C GLU A 76 -20.00 0.75 -6.66
N VAL A 77 -18.88 0.22 -6.16
CA VAL A 77 -18.45 -1.18 -6.34
C VAL A 77 -18.21 -1.86 -4.97
N THR A 78 -18.49 -3.15 -4.84
CA THR A 78 -18.63 -3.77 -3.52
C THR A 78 -17.77 -5.00 -3.32
N VAL A 79 -17.66 -5.42 -2.08
CA VAL A 79 -16.75 -6.51 -1.75
C VAL A 79 -17.13 -7.85 -2.40
N PRO A 80 -18.41 -8.26 -2.30
CA PRO A 80 -18.79 -9.50 -2.98
C PRO A 80 -18.46 -9.53 -4.48
N MET A 81 -18.64 -8.41 -5.20
CA MET A 81 -18.33 -8.39 -6.64
C MET A 81 -16.87 -8.66 -6.91
N ILE A 82 -16.00 -7.99 -6.14
CA ILE A 82 -14.59 -8.18 -6.34
C ILE A 82 -14.22 -9.52 -5.74
N LYS A 83 -14.74 -9.80 -4.53
CA LYS A 83 -14.53 -11.10 -3.86
C LYS A 83 -14.97 -12.24 -4.78
N SER A 84 -16.11 -12.05 -5.44
CA SER A 84 -16.69 -13.08 -6.30
C SER A 84 -15.87 -13.24 -7.57
N PHE A 85 -15.16 -12.17 -7.96
CA PHE A 85 -14.23 -12.23 -9.09
C PHE A 85 -12.89 -12.93 -8.75
N GLY A 86 -12.67 -13.16 -7.46
CA GLY A 86 -11.41 -13.75 -7.01
C GLY A 86 -10.36 -12.70 -6.70
N ILE A 87 -10.79 -11.47 -6.46
CA ILE A 87 -9.85 -10.40 -6.10
C ILE A 87 -9.76 -10.34 -4.59
N GLU A 88 -8.54 -10.43 -4.08
CA GLU A 88 -8.39 -10.72 -2.67
C GLU A 88 -7.92 -9.51 -1.89
N TRP A 89 -7.46 -8.49 -2.60
CA TRP A 89 -6.82 -7.31 -2.00
C TRP A 89 -7.61 -6.04 -2.35
N THR A 90 -7.53 -5.06 -1.44
CA THR A 90 -7.89 -3.69 -1.78
C THR A 90 -6.95 -2.73 -1.06
N ILE A 91 -6.71 -1.60 -1.69
CA ILE A 91 -6.16 -0.43 -1.01
C ILE A 91 -7.31 0.26 -0.24
N LEU A 92 -7.00 0.81 0.94
CA LEU A 92 -7.94 1.60 1.72
C LEU A 92 -7.26 2.86 2.24
N GLY A 93 -7.91 4.01 2.11
CA GLY A 93 -7.45 5.21 2.79
C GLY A 93 -6.35 5.91 2.05
N HIS A 94 -6.16 5.57 0.78
CA HIS A 94 -5.14 6.28 -0.01
C HIS A 94 -5.32 7.79 0.05
N SER A 95 -4.20 8.52 0.14
CA SER A 95 -4.16 9.92 0.50
C SER A 95 -5.05 10.75 -0.41
N GLU A 96 -5.05 10.36 -1.68
CA GLU A 96 -5.83 11.06 -2.70
C GLU A 96 -7.31 10.97 -2.34
N ARG A 97 -7.75 9.81 -1.83
CA ARG A 97 -9.16 9.61 -1.47
C ARG A 97 -9.51 10.29 -0.14
N ARG A 98 -8.59 10.19 0.83
CA ARG A 98 -8.75 10.90 2.10
C ARG A 98 -8.87 12.41 1.89
N ASP A 99 -7.93 13.00 1.16
CA ASP A 99 -7.85 14.45 1.03
C ASP A 99 -8.92 14.98 0.09
N ILE A 100 -8.94 14.45 -1.13
CA ILE A 100 -9.83 14.96 -2.16
C ILE A 100 -11.30 14.72 -1.83
N LEU A 101 -11.60 13.56 -1.26
CA LEU A 101 -12.98 13.13 -1.04
C LEU A 101 -13.38 13.07 0.43
N LYS A 102 -12.54 13.60 1.30
CA LYS A 102 -12.82 13.66 2.73
C LYS A 102 -13.15 12.28 3.34
N GLU A 103 -12.47 11.23 2.90
CA GLU A 103 -12.60 9.94 3.56
C GLU A 103 -11.93 10.03 4.95
N ASP A 104 -12.74 9.94 6.02
CA ASP A 104 -12.28 10.17 7.41
C ASP A 104 -11.90 8.86 8.13
N ASP A 105 -11.30 8.97 9.32
CA ASP A 105 -10.71 7.81 10.00
C ASP A 105 -11.73 6.80 10.51
N GLU A 106 -12.82 7.28 11.11
CA GLU A 106 -13.87 6.41 11.60
C GLU A 106 -14.45 5.61 10.43
N PHE A 107 -14.78 6.32 9.36
CA PHE A 107 -15.19 5.74 8.09
C PHE A 107 -14.17 4.69 7.61
N LEU A 108 -12.90 5.07 7.60
CA LEU A 108 -11.88 4.16 7.05
C LEU A 108 -11.63 2.95 7.94
N ALA A 109 -11.57 3.12 9.27
CA ALA A 109 -11.39 1.97 10.16
C ALA A 109 -12.61 1.07 10.08
N ALA A 110 -13.79 1.67 10.02
CA ALA A 110 -15.01 0.93 9.74
C ALA A 110 -14.88 0.11 8.45
N LYS A 111 -14.33 0.71 7.40
CA LYS A 111 -14.18 0.00 6.12
C LYS A 111 -13.20 -1.16 6.21
N ALA A 112 -12.13 -0.99 6.96
CA ALA A 112 -11.15 -2.04 7.15
C ALA A 112 -11.76 -3.22 7.87
N LYS A 113 -12.49 -2.94 8.95
CA LYS A 113 -13.19 -3.95 9.71
C LYS A 113 -14.09 -4.75 8.78
N PHE A 114 -14.88 -4.05 7.99
CA PHE A 114 -15.80 -4.69 7.09
C PHE A 114 -15.11 -5.51 6.00
N ALA A 115 -14.06 -4.96 5.39
CA ALA A 115 -13.32 -5.68 4.36
C ALA A 115 -12.71 -6.97 4.91
N LEU A 116 -12.08 -6.88 6.08
CA LEU A 116 -11.42 -8.03 6.67
C LEU A 116 -12.46 -9.08 7.08
N GLU A 117 -13.55 -8.63 7.65
CA GLU A 117 -14.63 -9.57 8.04
C GLU A 117 -15.16 -10.35 6.85
N ASN A 118 -14.99 -9.80 5.65
CA ASN A 118 -15.41 -10.45 4.40
C ASN A 118 -14.31 -11.13 3.60
N GLY A 119 -13.19 -11.38 4.23
CA GLY A 119 -12.17 -12.22 3.66
C GLY A 119 -11.19 -11.49 2.76
N MET A 120 -11.26 -10.15 2.75
N MET A 120 -11.21 -10.18 2.75
CA MET A 120 -10.31 -9.28 2.00
CA MET A 120 -10.20 -9.51 1.97
C MET A 120 -9.04 -9.00 2.76
C MET A 120 -8.94 -9.33 2.75
N LYS A 121 -7.93 -8.89 2.02
CA LYS A 121 -6.65 -8.42 2.57
C LYS A 121 -6.56 -6.95 2.21
N ILE A 122 -5.96 -6.15 3.08
CA ILE A 122 -5.97 -4.72 2.90
C ILE A 122 -4.59 -4.08 2.97
N ILE A 123 -4.40 -3.06 2.14
CA ILE A 123 -3.25 -2.15 2.22
C ILE A 123 -3.81 -0.87 2.77
N TYR A 124 -3.61 -0.67 4.07
CA TYR A 124 -4.25 0.44 4.81
C TYR A 124 -3.31 1.65 4.88
N CYS A 125 -3.69 2.78 4.23
CA CYS A 125 -2.80 3.90 4.09
C CYS A 125 -2.98 4.95 5.21
N CYS A 126 -1.86 5.56 5.61
CA CYS A 126 -1.86 6.60 6.63
C CYS A 126 -0.83 7.61 6.20
N GLY A 127 -0.68 8.69 6.96
CA GLY A 127 0.30 9.71 6.67
C GLY A 127 -0.18 11.13 6.95
N GLU A 128 0.75 11.97 7.33
CA GLU A 128 0.45 13.33 7.74
C GLU A 128 0.71 14.35 6.63
N HIS A 129 0.00 15.47 6.75
CA HIS A 129 0.12 16.62 5.85
C HIS A 129 1.19 17.59 6.28
N LEU A 130 1.47 18.55 5.41
CA LEU A 130 2.56 19.49 5.68
C LEU A 130 2.41 20.23 7.00
N SER A 131 1.21 20.68 7.36
CA SER A 131 1.06 21.49 8.55
C SER A 131 1.48 20.74 9.78
N GLU A 132 1.05 19.48 9.92
N GLU A 132 0.97 19.51 9.91
CA GLU A 132 1.44 18.68 11.08
CA GLU A 132 1.34 18.54 10.93
C GLU A 132 2.93 18.34 11.08
C GLU A 132 2.87 18.41 11.04
N ARG A 133 3.49 18.10 9.92
CA ARG A 133 4.93 17.90 9.82
C ARG A 133 5.66 19.13 10.28
N GLU A 134 5.27 20.29 9.77
CA GLU A 134 5.94 21.52 10.18
C GLU A 134 5.75 21.87 11.64
N ALA A 135 4.60 21.50 12.20
CA ALA A 135 4.31 21.74 13.61
C ALA A 135 5.06 20.80 14.56
N GLY A 136 5.80 19.84 14.00
CA GLY A 136 6.52 18.88 14.83
C GLY A 136 5.61 17.79 15.35
N LYS A 137 4.47 17.58 14.69
CA LYS A 137 3.43 16.65 15.17
C LYS A 137 3.25 15.44 14.27
N ALA A 138 4.25 15.14 13.43
CA ALA A 138 4.07 14.05 12.53
C ALA A 138 3.82 12.72 13.23
N SER A 139 4.66 12.39 14.21
CA SER A 139 4.49 11.14 14.96
C SER A 139 3.13 11.09 15.61
N GLU A 140 2.78 12.20 16.26
CA GLU A 140 1.51 12.26 16.94
C GLU A 140 0.37 11.98 15.98
N PHE A 141 0.40 12.58 14.80
CA PHE A 141 -0.73 12.48 13.85
C PHE A 141 -0.88 11.06 13.31
N VAL A 142 0.26 10.50 12.90
CA VAL A 142 0.32 9.14 12.32
C VAL A 142 -0.06 8.11 13.41
N SER A 143 0.47 8.28 14.62
CA SER A 143 0.12 7.39 15.73
C SER A 143 -1.36 7.35 15.92
N ALA A 144 -2.00 8.53 15.96
CA ALA A 144 -3.46 8.62 16.10
C ALA A 144 -4.20 7.86 15.01
N GLN A 145 -3.72 7.96 13.77
CA GLN A 145 -4.35 7.25 12.69
C GLN A 145 -4.31 5.74 12.90
N ILE A 146 -3.15 5.24 13.30
CA ILE A 146 -3.00 3.80 13.48
C ILE A 146 -3.80 3.38 14.71
N GLU A 147 -3.79 4.21 15.76
CA GLU A 147 -4.56 3.92 16.97
C GLU A 147 -6.05 3.78 16.73
N LYS A 148 -6.57 4.52 15.76
CA LYS A 148 -7.94 4.35 15.29
C LYS A 148 -8.12 3.07 14.48
N MET A 149 -7.11 2.70 13.69
CA MET A 149 -7.20 1.50 12.88
C MET A 149 -7.21 0.24 13.74
N ILE A 150 -6.37 0.22 14.78
CA ILE A 150 -6.09 -1.01 15.53
C ILE A 150 -7.34 -1.73 16.05
N PRO A 151 -8.26 -1.00 16.70
CA PRO A 151 -9.43 -1.71 17.25
C PRO A 151 -10.34 -2.29 16.17
N ALA A 152 -10.18 -1.85 14.93
CA ALA A 152 -11.02 -2.32 13.82
C ALA A 152 -10.57 -3.69 13.28
N ILE A 153 -9.33 -4.10 13.58
CA ILE A 153 -8.81 -5.36 13.05
C ILE A 153 -9.34 -6.53 13.85
N PRO A 154 -10.12 -7.46 13.24
CA PRO A 154 -10.61 -8.62 13.99
C PRO A 154 -9.50 -9.54 14.47
N ALA A 155 -9.69 -10.20 15.61
CA ALA A 155 -8.73 -11.19 16.07
C ALA A 155 -8.44 -12.16 14.95
N GLY A 156 -7.19 -12.55 14.78
CA GLY A 156 -6.82 -13.50 13.75
C GLY A 156 -6.64 -12.90 12.36
N LYS A 157 -6.90 -11.61 12.17
CA LYS A 157 -6.80 -11.01 10.81
C LYS A 157 -5.53 -10.18 10.56
N TRP A 158 -4.60 -10.14 11.49
CA TRP A 158 -3.46 -9.26 11.29
C TRP A 158 -2.58 -9.80 10.15
N ASP A 159 -2.69 -11.10 9.83
CA ASP A 159 -1.95 -11.64 8.68
C ASP A 159 -2.38 -11.04 7.34
N ASP A 160 -3.58 -10.42 7.34
CA ASP A 160 -4.19 -9.90 6.12
C ASP A 160 -4.14 -8.37 6.00
N VAL A 161 -3.31 -7.73 6.85
CA VAL A 161 -3.17 -6.31 6.88
C VAL A 161 -1.73 -5.95 6.54
N VAL A 162 -1.57 -4.98 5.62
CA VAL A 162 -0.32 -4.28 5.38
C VAL A 162 -0.62 -2.82 5.54
N ILE A 163 0.31 -2.08 6.11
CA ILE A 163 0.12 -0.66 6.36
C ILE A 163 1.09 0.12 5.46
N ALA A 164 0.60 1.17 4.77
CA ALA A 164 1.45 2.01 3.90
C ALA A 164 1.51 3.43 4.46
N TYR A 165 2.73 3.91 4.65
CA TYR A 165 2.98 5.29 5.08
C TYR A 165 3.18 6.17 3.88
N GLU A 166 2.29 7.15 3.72
CA GLU A 166 2.36 8.14 2.61
C GLU A 166 2.77 9.47 3.16
N PRO A 167 3.90 10.01 2.72
CA PRO A 167 4.30 11.30 3.28
C PRO A 167 3.56 12.40 2.51
N ILE A 168 2.31 12.62 2.89
CA ILE A 168 1.47 13.56 2.15
C ILE A 168 2.07 14.97 2.13
N TRP A 169 2.79 15.31 3.19
CA TRP A 169 3.55 16.53 3.31
C TRP A 169 4.59 16.71 2.21
N ALA A 170 4.93 15.62 1.51
CA ALA A 170 5.96 15.67 0.46
C ALA A 170 5.39 15.38 -0.92
N ILE A 171 4.08 15.44 -1.06
CA ILE A 171 3.44 15.12 -2.33
C ILE A 171 2.74 16.38 -2.84
N GLY A 172 3.31 17.00 -3.86
CA GLY A 172 2.73 18.22 -4.40
C GLY A 172 2.91 19.48 -3.58
N THR A 173 3.88 19.49 -2.67
CA THR A 173 4.07 20.61 -1.77
C THR A 173 5.36 21.39 -1.99
N GLY A 174 6.28 20.86 -2.79
CA GLY A 174 7.57 21.49 -2.91
C GLY A 174 8.57 21.04 -1.88
N LYS A 175 8.23 20.02 -1.08
CA LYS A 175 9.12 19.43 -0.10
C LYS A 175 9.37 17.98 -0.47
N VAL A 176 10.58 17.51 -0.17
CA VAL A 176 10.92 16.11 -0.44
C VAL A 176 11.27 15.36 0.83
N ALA A 177 10.97 14.08 0.81
CA ALA A 177 11.26 13.23 1.97
C ALA A 177 12.62 12.56 1.78
N SER A 178 13.36 12.39 2.88
CA SER A 178 14.63 11.67 2.83
C SER A 178 14.39 10.19 3.12
N THR A 179 15.41 9.39 2.89
CA THR A 179 15.36 7.97 3.20
C THR A 179 15.17 7.83 4.70
N GLN A 180 15.84 8.67 5.47
CA GLN A 180 15.70 8.63 6.94
C GLN A 180 14.28 8.94 7.42
N ASP A 181 13.62 9.86 6.72
CA ASP A 181 12.23 10.20 7.03
C ASP A 181 11.33 8.96 6.85
N ALA A 182 11.55 8.21 5.77
CA ALA A 182 10.76 7.02 5.54
C ALA A 182 10.97 6.03 6.68
N GLN A 183 12.22 5.72 6.97
CA GLN A 183 12.55 4.82 8.08
C GLN A 183 11.94 5.27 9.39
N GLU A 184 12.07 6.53 9.75
N GLU A 184 12.09 6.55 9.74
CA GLU A 184 11.57 6.97 11.02
CA GLU A 184 11.61 7.12 10.99
C GLU A 184 10.07 6.80 11.17
C GLU A 184 10.10 6.89 11.18
N MET A 185 9.33 7.12 10.12
CA MET A 185 7.88 7.04 10.23
C MET A 185 7.41 5.60 10.17
N CYS A 186 8.06 4.73 9.39
CA CYS A 186 7.75 3.29 9.51
C CYS A 186 8.00 2.72 10.91
N LYS A 187 9.11 3.12 11.53
CA LYS A 187 9.40 2.74 12.90
C LYS A 187 8.33 3.27 13.88
N VAL A 188 7.90 4.52 13.69
CA VAL A 188 6.79 5.09 14.49
C VAL A 188 5.57 4.18 14.46
N ILE A 189 5.21 3.72 13.27
CA ILE A 189 4.09 2.82 13.08
C ILE A 189 4.30 1.49 13.82
N ARG A 190 5.49 0.90 13.67
CA ARG A 190 5.77 -0.38 14.27
C ARG A 190 5.72 -0.26 15.77
N ASP A 191 6.23 0.86 16.29
CA ASP A 191 6.23 1.05 17.75
C ASP A 191 4.83 1.21 18.32
N ILE A 192 3.96 1.88 17.58
CA ILE A 192 2.61 2.02 18.09
C ILE A 192 1.93 0.65 18.05
N LEU A 193 2.18 -0.15 17.03
CA LEU A 193 1.61 -1.50 17.01
C LEU A 193 2.07 -2.29 18.27
N ALA A 194 3.36 -2.19 18.57
CA ALA A 194 3.97 -2.92 19.68
C ALA A 194 3.35 -2.47 20.98
N ALA A 195 3.18 -1.16 21.14
CA ALA A 195 2.62 -0.61 22.37
C ALA A 195 1.17 -1.05 22.56
N LYS A 196 0.41 -1.16 21.48
CA LYS A 196 -1.03 -1.37 21.62
C LYS A 196 -1.50 -2.82 21.48
N VAL A 197 -0.87 -3.59 20.60
CA VAL A 197 -1.32 -4.96 20.32
C VAL A 197 -0.20 -6.02 20.49
N GLY A 198 0.98 -5.57 20.83
CA GLY A 198 2.07 -6.46 21.20
C GLY A 198 3.12 -6.69 20.15
N ALA A 199 4.22 -7.27 20.61
CA ALA A 199 5.40 -7.42 19.78
C ALA A 199 5.22 -8.47 18.69
N ASP A 200 4.48 -9.54 18.97
CA ASP A 200 4.28 -10.55 17.95
C ASP A 200 3.56 -9.94 16.74
N ILE A 201 2.52 -9.16 16.98
CA ILE A 201 1.87 -8.49 15.86
C ILE A 201 2.79 -7.49 15.18
N ALA A 202 3.48 -6.66 15.98
CA ALA A 202 4.34 -5.63 15.43
C ALA A 202 5.45 -6.23 14.55
N ASN A 203 5.95 -7.40 14.95
CA ASN A 203 7.03 -8.04 14.21
C ASN A 203 6.63 -8.72 12.90
N LYS A 204 5.36 -8.95 12.67
CA LYS A 204 4.96 -9.62 11.46
C LYS A 204 4.27 -8.69 10.47
N VAL A 205 3.78 -7.54 10.91
CA VAL A 205 3.06 -6.63 10.00
C VAL A 205 4.02 -5.93 9.07
N ARG A 206 3.77 -6.04 7.77
CA ARG A 206 4.57 -5.29 6.79
C ARG A 206 4.10 -3.83 6.78
N ILE A 207 5.06 -2.94 6.90
CA ILE A 207 4.85 -1.51 6.81
C ILE A 207 5.64 -1.01 5.60
N LEU A 208 4.93 -0.35 4.72
CA LEU A 208 5.45 0.07 3.41
C LEU A 208 5.68 1.55 3.37
N TYR A 209 6.64 1.95 2.56
CA TYR A 209 6.80 3.35 2.20
C TYR A 209 6.03 3.66 0.92
N GLY A 210 5.14 4.64 1.03
CA GLY A 210 4.31 5.08 -0.08
C GLY A 210 4.55 6.44 -0.66
N GLY A 211 5.72 7.02 -0.43
CA GLY A 211 6.13 8.27 -1.05
C GLY A 211 6.67 7.94 -2.39
N SER A 212 7.43 8.87 -2.98
CA SER A 212 7.92 8.67 -4.34
C SER A 212 9.03 7.60 -4.36
N VAL A 213 8.75 6.48 -5.04
CA VAL A 213 9.68 5.37 -5.11
C VAL A 213 9.97 5.13 -6.57
N LYS A 214 11.26 5.14 -6.90
CA LYS A 214 11.75 5.01 -8.25
C LYS A 214 12.95 4.02 -8.28
N PRO A 215 13.37 3.63 -9.48
CA PRO A 215 14.58 2.80 -9.57
C PRO A 215 15.81 3.41 -8.91
N ASN A 216 15.88 4.74 -8.83
CA ASN A 216 17.04 5.40 -8.24
C ASN A 216 17.05 5.55 -6.72
N ASN A 217 15.95 5.24 -6.05
CA ASN A 217 16.00 5.26 -4.58
C ASN A 217 15.49 4.01 -3.91
N CYS A 218 15.00 3.03 -4.66
CA CYS A 218 14.42 1.84 -4.04
C CYS A 218 15.40 1.01 -3.19
N ASN A 219 16.63 0.88 -3.66
CA ASN A 219 17.58 -0.01 -2.99
C ASN A 219 17.93 0.56 -1.60
N GLU A 220 18.21 1.87 -1.57
CA GLU A 220 18.52 2.60 -0.34
C GLU A 220 17.36 2.49 0.66
N LEU A 221 16.14 2.74 0.19
CA LEU A 221 14.95 2.65 1.01
C LEU A 221 14.72 1.24 1.50
N ALA A 222 14.89 0.23 0.64
CA ALA A 222 14.62 -1.15 1.01
C ALA A 222 15.47 -1.57 2.23
N ALA A 223 16.69 -1.06 2.26
CA ALA A 223 17.64 -1.47 3.29
C ALA A 223 17.26 -0.95 4.65
N CSO A 224 16.37 0.05 4.70
CA CSO A 224 15.94 0.59 5.99
CB CSO A 224 14.92 1.72 5.82
SG CSO A 224 15.66 3.23 5.08
C CSO A 224 15.28 -0.52 6.81
O CSO A 224 14.45 -1.28 6.30
OD CSO A 224 16.97 3.84 6.33
H CSO A 224 16.00 0.41 4.02
HA CSO A 224 16.71 0.94 6.49
HB2 CSO A 224 14.56 1.97 6.69
HB3 CSO A 224 14.20 1.42 5.23
HD CSO A 224 17.40 4.64 5.99
N PRO A 225 15.63 -0.61 8.11
CA PRO A 225 15.17 -1.81 8.81
C PRO A 225 13.65 -1.93 9.02
N ASP A 226 12.94 -0.81 9.15
CA ASP A 226 11.50 -0.88 9.35
C ASP A 226 10.67 -0.70 8.09
N VAL A 227 11.34 -0.48 6.97
CA VAL A 227 10.69 -0.43 5.67
C VAL A 227 10.65 -1.84 5.05
N ASP A 228 9.44 -2.39 4.91
CA ASP A 228 9.22 -3.76 4.41
C ASP A 228 8.78 -3.84 2.95
N GLY A 229 8.83 -2.72 2.27
CA GLY A 229 8.39 -2.61 0.91
C GLY A 229 7.79 -1.29 0.57
N PHE A 230 7.00 -1.29 -0.52
CA PHE A 230 6.57 -0.04 -1.18
C PHE A 230 5.15 -0.12 -1.67
N LEU A 231 4.45 1.01 -1.62
CA LEU A 231 3.24 1.19 -2.44
C LEU A 231 3.62 2.21 -3.51
N VAL A 232 3.74 1.74 -4.74
CA VAL A 232 4.35 2.51 -5.84
C VAL A 232 3.31 3.16 -6.66
N GLY A 233 3.51 4.43 -6.95
CA GLY A 233 2.66 5.13 -7.89
C GLY A 233 3.09 4.98 -9.33
N GLY A 234 3.54 6.10 -9.89
CA GLY A 234 3.73 6.19 -11.32
C GLY A 234 4.69 5.18 -11.89
N ALA A 235 5.69 4.80 -11.10
CA ALA A 235 6.68 3.85 -11.59
C ALA A 235 6.07 2.47 -11.83
N SER A 236 4.89 2.23 -11.28
CA SER A 236 4.26 0.94 -11.47
C SER A 236 3.86 0.70 -12.91
N LEU A 237 3.78 1.79 -13.67
CA LEU A 237 3.44 1.70 -15.07
C LEU A 237 4.61 1.62 -16.01
N GLU A 238 5.82 1.67 -15.45
CA GLU A 238 7.05 1.80 -16.20
C GLU A 238 7.94 0.57 -16.03
N PRO A 239 8.89 0.38 -16.95
CA PRO A 239 9.78 -0.78 -16.83
C PRO A 239 10.55 -0.90 -15.52
N GLY A 240 10.85 0.21 -14.84
CA GLY A 240 11.54 0.15 -13.58
C GLY A 240 10.74 -0.43 -12.41
N PHE A 241 9.49 -0.80 -12.62
CA PHE A 241 8.73 -1.40 -11.52
C PHE A 241 9.46 -2.67 -11.09
N ILE A 242 10.03 -3.40 -12.03
CA ILE A 242 10.74 -4.64 -11.67
C ILE A 242 11.96 -4.38 -10.82
N ASN A 243 12.65 -3.26 -11.07
CA ASN A 243 13.75 -2.87 -10.19
C ASN A 243 13.27 -2.67 -8.76
N ILE A 244 12.11 -2.06 -8.61
CA ILE A 244 11.56 -1.82 -7.29
C ILE A 244 11.16 -3.12 -6.57
N VAL A 245 10.47 -4.02 -7.29
CA VAL A 245 10.19 -5.36 -6.80
C VAL A 245 11.46 -6.07 -6.33
N ASN A 246 12.52 -5.97 -7.13
CA ASN A 246 13.79 -6.63 -6.82
C ASN A 246 14.69 -5.94 -5.80
N SER A 247 14.28 -4.77 -5.32
CA SER A 247 15.01 -4.14 -4.25
C SER A 247 14.91 -4.93 -2.95
N ASN A 248 14.01 -5.91 -2.92
CA ASN A 248 13.88 -6.75 -1.72
C ASN A 248 15.21 -7.40 -1.32
N VAL A 249 16.12 -7.58 -2.27
CA VAL A 249 17.40 -8.23 -1.98
C VAL A 249 18.27 -7.40 -1.04
N HIS A 250 17.96 -6.09 -0.91
CA HIS A 250 18.68 -5.16 -0.04
C HIS A 250 18.06 -5.01 1.34
N SER A 251 16.92 -5.61 1.54
CA SER A 251 16.21 -5.56 2.80
C SER A 251 16.55 -6.76 3.64
N LYS A 252 17.15 -6.54 4.79
CA LYS A 252 17.73 -7.63 5.55
C LYS A 252 16.58 -8.41 6.15
NA NA B . 13.90 -3.08 4.92
#